data_1P4F
#
_entry.id   1P4F
#
_cell.length_a   47.238
_cell.length_b   62.527
_cell.length_c   88.927
_cell.angle_alpha   90.00
_cell.angle_beta   90.00
_cell.angle_gamma   90.00
#
_symmetry.space_group_name_H-M   'P 21 21 21'
#
loop_
_entity.id
_entity.type
_entity.pdbx_description
1 polymer 'Death-associated protein kinase 1'
2 non-polymer 5,6-Dihydro-benzo[H]cinnolin-3-ylamine
3 water water
#
_entity_poly.entity_id   1
_entity_poly.type   'polypeptide(L)'
_entity_poly.pdbx_seq_one_letter_code
;TVFRQENVDDYYDTGEELGSGQFAVVKKCREKSTGLQYAAKFIKKRRTKSSRRGVSREDIEREVSILKEIQHPNVITLHE
VYENKTDVILILELVAGGELFDFLAEKESLTEEEATEFLKQILNGVYYLHSLQIAHFDLKPENIMLLDRNVPKPRIKIID
FGLAHKIDFGNEFKNIFGTPEFVAPEIVNYEPLGLEADMWSIGVITYILLSGASPFLGDTKQETLANVSAVNYEFEDEYF
SNTSALAKDFIRRLLVKDPKKRMTIQDSLQHPWIKPKDTQQALSSAWSHPQFE
;
_entity_poly.pdbx_strand_id   A
#
loop_
_chem_comp.id
_chem_comp.type
_chem_comp.name
_chem_comp.formula
86Q non-polymer 5,6-Dihydro-benzo[H]cinnolin-3-ylamine 'C12 H11 N3'
#
# COMPACT_ATOMS: atom_id res chain seq x y z
N THR A 1 -15.97 -17.68 5.78
CA THR A 1 -15.86 -18.21 4.39
C THR A 1 -14.68 -19.20 4.33
N VAL A 2 -14.92 -20.34 3.70
CA VAL A 2 -13.91 -21.38 3.65
C VAL A 2 -13.18 -21.28 2.31
N PHE A 3 -11.90 -21.64 2.29
CA PHE A 3 -11.11 -21.58 1.06
C PHE A 3 -10.80 -23.00 0.56
N ARG A 4 -10.07 -23.10 -0.56
CA ARG A 4 -9.76 -24.41 -1.15
C ARG A 4 -8.88 -25.24 -0.22
N GLN A 5 -9.33 -26.44 0.13
CA GLN A 5 -8.59 -27.20 1.11
C GLN A 5 -7.70 -28.32 0.55
N GLU A 6 -7.65 -28.42 -0.77
CA GLU A 6 -6.68 -29.30 -1.42
C GLU A 6 -5.27 -28.76 -1.21
N ASN A 7 -4.28 -29.65 -1.25
CA ASN A 7 -2.90 -29.24 -1.06
C ASN A 7 -2.47 -28.34 -2.23
N VAL A 8 -2.05 -27.12 -1.92
CA VAL A 8 -1.63 -26.18 -2.95
C VAL A 8 -0.51 -26.77 -3.82
N ASP A 9 0.35 -27.60 -3.20
CA ASP A 9 1.47 -28.26 -3.88
C ASP A 9 1.03 -29.21 -4.98
N ASP A 10 -0.21 -29.66 -4.92
CA ASP A 10 -0.71 -30.53 -5.98
C ASP A 10 -1.08 -29.76 -7.25
N TYR A 11 -1.20 -28.44 -7.13
CA TYR A 11 -1.67 -27.61 -8.24
C TYR A 11 -0.67 -26.56 -8.71
N TYR A 12 0.31 -26.23 -7.86
CA TYR A 12 1.35 -25.23 -8.12
C TYR A 12 2.72 -25.73 -7.70
N ASP A 13 3.74 -25.24 -8.41
CA ASP A 13 5.12 -25.40 -7.99
C ASP A 13 5.67 -24.03 -7.63
N THR A 14 6.40 -23.94 -6.52
CA THR A 14 6.94 -22.66 -6.07
C THR A 14 8.39 -22.47 -6.50
N GLY A 15 8.84 -21.21 -6.53
CA GLY A 15 10.20 -20.89 -6.91
C GLY A 15 10.83 -19.87 -5.98
N GLU A 16 11.46 -18.87 -6.58
CA GLU A 16 12.16 -17.82 -5.87
C GLU A 16 11.22 -17.07 -4.92
N GLU A 17 11.73 -16.71 -3.73
CA GLU A 17 11.02 -15.80 -2.83
C GLU A 17 10.92 -14.40 -3.44
N LEU A 18 9.75 -13.75 -3.29
CA LEU A 18 9.53 -12.40 -3.83
C LEU A 18 9.52 -11.28 -2.79
N GLY A 19 9.16 -11.63 -1.56
CA GLY A 19 9.07 -10.63 -0.50
C GLY A 19 8.32 -11.21 0.67
N SER A 20 8.04 -10.39 1.66
CA SER A 20 7.41 -10.86 2.88
C SER A 20 6.65 -9.75 3.62
N GLY A 21 5.93 -10.17 4.65
N GLY A 21 5.77 -10.15 4.52
CA GLY A 21 5.44 -9.29 5.73
CA GLY A 21 4.93 -9.20 5.25
C GLY A 21 5.83 -9.87 7.08
C GLY A 21 4.71 -9.67 6.67
N GLN A 22 5.22 -9.38 8.15
N GLN A 22 3.91 -8.92 7.42
CA GLN A 22 5.50 -9.92 9.48
CA GLN A 22 3.64 -9.34 8.79
C GLN A 22 5.09 -11.39 9.62
C GLN A 22 3.07 -10.75 8.75
N PHE A 23 3.85 -11.72 9.23
CA PHE A 23 3.40 -13.13 9.25
C PHE A 23 3.08 -13.67 7.84
N ALA A 24 3.83 -13.20 6.85
CA ALA A 24 3.59 -13.65 5.47
C ALA A 24 4.89 -13.78 4.71
N VAL A 25 4.92 -14.73 3.79
CA VAL A 25 6.02 -14.84 2.84
C VAL A 25 5.40 -15.06 1.46
N VAL A 26 6.02 -14.45 0.46
CA VAL A 26 5.51 -14.52 -0.91
C VAL A 26 6.56 -15.20 -1.80
N LYS A 27 6.11 -16.19 -2.56
CA LYS A 27 6.97 -16.96 -3.43
C LYS A 27 6.44 -16.96 -4.86
N LYS A 28 7.34 -16.86 -5.83
CA LYS A 28 6.99 -17.09 -7.22
C LYS A 28 6.43 -18.52 -7.35
N CYS A 29 5.43 -18.70 -8.20
CA CYS A 29 4.87 -20.03 -8.42
C CYS A 29 4.38 -20.22 -9.86
N ARG A 30 4.18 -21.47 -10.23
CA ARG A 30 3.72 -21.83 -11.56
C ARG A 30 2.55 -22.80 -11.43
N GLU A 31 1.42 -22.48 -12.04
CA GLU A 31 0.26 -23.36 -12.02
C GLU A 31 0.53 -24.57 -12.95
N LYS A 32 0.37 -25.78 -12.43
CA LYS A 32 0.69 -27.00 -13.18
C LYS A 32 -0.19 -27.20 -14.40
N SER A 33 -1.46 -26.83 -14.26
CA SER A 33 -2.45 -27.04 -15.31
C SER A 33 -2.29 -26.15 -16.54
N THR A 34 -1.74 -24.94 -16.36
CA THR A 34 -1.65 -23.93 -17.45
C THR A 34 -0.24 -23.43 -17.73
N GLY A 35 0.67 -23.63 -16.79
CA GLY A 35 2.00 -23.04 -16.90
C GLY A 35 2.07 -21.55 -16.63
N LEU A 36 0.93 -20.95 -16.27
CA LEU A 36 0.89 -19.52 -15.93
C LEU A 36 1.54 -19.30 -14.58
N GLN A 37 2.17 -18.14 -14.43
CA GLN A 37 2.93 -17.83 -13.25
C GLN A 37 2.21 -16.79 -12.39
N TYR A 38 2.38 -16.95 -11.08
CA TYR A 38 1.70 -16.16 -10.06
C TYR A 38 2.64 -15.92 -8.90
N ALA A 39 2.16 -15.16 -7.93
CA ALA A 39 2.85 -15.01 -6.65
C ALA A 39 1.96 -15.61 -5.58
N ALA A 40 2.49 -16.57 -4.82
CA ALA A 40 1.75 -17.22 -3.76
C ALA A 40 2.13 -16.59 -2.41
N LYS A 41 1.18 -15.95 -1.77
CA LYS A 41 1.43 -15.29 -0.48
C LYS A 41 0.91 -16.20 0.64
N PHE A 42 1.83 -16.72 1.45
CA PHE A 42 1.46 -17.64 2.53
C PHE A 42 1.28 -16.81 3.81
N ILE A 43 0.03 -16.68 4.27
CA ILE A 43 -0.28 -15.89 5.46
C ILE A 43 -0.47 -16.82 6.64
N LYS A 44 0.32 -16.58 7.68
CA LYS A 44 0.23 -17.41 8.88
C LYS A 44 -1.05 -17.15 9.66
N LYS A 45 -1.81 -18.23 9.87
CA LYS A 45 -3.04 -18.22 10.66
C LYS A 45 -2.73 -18.12 12.17
N ARG A 46 -3.64 -17.49 12.92
CA ARG A 46 -3.62 -17.58 14.37
C ARG A 46 -4.01 -18.98 14.81
N ARG A 47 -3.29 -19.50 15.80
CA ARG A 47 -3.50 -20.86 16.33
C ARG A 47 -4.61 -20.94 17.39
N THR A 48 -4.86 -19.81 18.07
CA THR A 48 -5.87 -19.69 19.14
C THR A 48 -6.45 -18.27 19.05
N LYS A 49 -7.59 -18.03 19.70
CA LYS A 49 -8.19 -16.68 19.61
C LYS A 49 -7.47 -15.58 20.40
N SER A 50 -6.71 -15.97 21.43
CA SER A 50 -5.98 -15.00 22.27
C SER A 50 -4.54 -14.81 21.82
N SER A 51 -4.10 -15.61 20.84
CA SER A 51 -2.75 -15.52 20.32
C SER A 51 -2.51 -14.16 19.67
N ARG A 52 -1.31 -13.62 19.87
CA ARG A 52 -0.91 -12.37 19.22
C ARG A 52 -0.10 -12.70 17.96
N ARG A 53 0.26 -13.97 17.79
CA ARG A 53 0.97 -14.42 16.60
C ARG A 53 0.00 -14.83 15.49
N GLY A 54 0.38 -14.56 14.25
CA GLY A 54 -0.49 -14.87 13.12
C GLY A 54 -1.52 -13.78 12.85
N VAL A 55 -2.26 -13.96 11.75
CA VAL A 55 -3.30 -13.02 11.33
C VAL A 55 -4.66 -13.65 11.60
N SER A 56 -5.56 -12.89 12.22
CA SER A 56 -6.90 -13.39 12.51
C SER A 56 -7.67 -13.71 11.24
N ARG A 57 -8.53 -14.73 11.30
CA ARG A 57 -9.38 -15.09 10.17
C ARG A 57 -10.17 -13.88 9.67
N GLU A 58 -10.69 -13.08 10.59
CA GLU A 58 -11.43 -11.87 10.25
C GLU A 58 -10.60 -10.96 9.33
N ASP A 59 -9.35 -10.71 9.73
CA ASP A 59 -8.47 -9.84 8.94
C ASP A 59 -8.13 -10.47 7.59
N ILE A 60 -7.86 -11.77 7.59
CA ILE A 60 -7.54 -12.44 6.31
C ILE A 60 -8.73 -12.35 5.35
N GLU A 61 -9.93 -12.62 5.86
CA GLU A 61 -11.14 -12.60 5.03
C GLU A 61 -11.44 -11.19 4.48
N ARG A 62 -11.15 -10.16 5.25
CA ARG A 62 -11.35 -8.78 4.81
C ARG A 62 -10.43 -8.45 3.63
N GLU A 63 -9.16 -8.83 3.73
CA GLU A 63 -8.22 -8.62 2.63
C GLU A 63 -8.66 -9.39 1.38
N VAL A 64 -9.00 -10.66 1.56
CA VAL A 64 -9.54 -11.47 0.45
C VAL A 64 -10.79 -10.84 -0.19
N SER A 65 -11.71 -10.39 0.65
CA SER A 65 -12.95 -9.78 0.17
C SER A 65 -12.68 -8.51 -0.65
N ILE A 66 -11.77 -7.68 -0.17
CA ILE A 66 -11.37 -6.47 -0.89
C ILE A 66 -10.70 -6.80 -2.22
N LEU A 67 -9.73 -7.70 -2.19
CA LEU A 67 -9.03 -8.13 -3.40
C LEU A 67 -9.98 -8.70 -4.47
N LYS A 68 -10.99 -9.46 -4.05
CA LYS A 68 -11.97 -9.99 -5.01
C LYS A 68 -12.77 -8.89 -5.73
N GLU A 69 -13.07 -7.81 -5.03
CA GLU A 69 -13.86 -6.69 -5.57
C GLU A 69 -13.16 -5.88 -6.66
N ILE A 70 -11.84 -5.75 -6.58
CA ILE A 70 -11.11 -4.80 -7.42
C ILE A 70 -10.62 -5.42 -8.74
N GLN A 71 -10.80 -4.68 -9.82
CA GLN A 71 -10.19 -5.03 -11.10
C GLN A 71 -9.76 -3.76 -11.79
N HIS A 72 -8.45 -3.51 -11.77
CA HIS A 72 -7.87 -2.29 -12.27
C HIS A 72 -6.41 -2.59 -12.59
N PRO A 73 -5.87 -2.05 -13.69
CA PRO A 73 -4.50 -2.36 -14.10
C PRO A 73 -3.45 -1.95 -13.05
N ASN A 74 -3.75 -0.97 -12.19
CA ASN A 74 -2.76 -0.51 -11.21
C ASN A 74 -2.91 -1.10 -9.79
N VAL A 75 -3.74 -2.13 -9.68
CA VAL A 75 -3.91 -2.85 -8.42
C VAL A 75 -3.73 -4.35 -8.63
N ILE A 76 -3.07 -5.01 -7.67
CA ILE A 76 -2.82 -6.45 -7.76
C ILE A 76 -4.13 -7.24 -7.81
N THR A 77 -4.19 -8.27 -8.64
CA THR A 77 -5.40 -9.10 -8.73
C THR A 77 -5.19 -10.42 -7.99
N LEU A 78 -6.30 -10.95 -7.47
CA LEU A 78 -6.29 -12.22 -6.77
C LEU A 78 -6.85 -13.30 -7.70
N HIS A 79 -6.09 -14.38 -7.85
CA HIS A 79 -6.49 -15.50 -8.70
C HIS A 79 -7.30 -16.56 -7.94
N GLU A 80 -6.78 -16.98 -6.79
CA GLU A 80 -7.36 -18.10 -6.03
C GLU A 80 -6.89 -18.03 -4.60
N VAL A 81 -7.61 -18.75 -3.73
CA VAL A 81 -7.21 -18.87 -2.32
C VAL A 81 -7.28 -20.33 -1.87
N TYR A 82 -6.21 -20.78 -1.22
CA TYR A 82 -6.11 -22.11 -0.61
C TYR A 82 -5.86 -21.93 0.88
N GLU A 83 -6.08 -22.99 1.65
CA GLU A 83 -5.74 -22.94 3.07
C GLU A 83 -5.45 -24.30 3.63
N ASN A 84 -4.67 -24.33 4.70
CA ASN A 84 -4.45 -25.55 5.45
C ASN A 84 -4.44 -25.17 6.94
N LYS A 85 -3.90 -26.04 7.78
CA LYS A 85 -3.91 -25.79 9.22
C LYS A 85 -3.13 -24.54 9.64
N THR A 86 -2.03 -24.26 8.96
CA THR A 86 -1.11 -23.21 9.40
C THR A 86 -1.21 -21.92 8.60
N ASP A 87 -1.62 -22.01 7.33
CA ASP A 87 -1.57 -20.87 6.39
C ASP A 87 -2.83 -20.67 5.58
N VAL A 88 -3.10 -19.41 5.23
CA VAL A 88 -3.97 -19.13 4.10
C VAL A 88 -3.05 -18.72 2.97
N ILE A 89 -3.30 -19.22 1.77
CA ILE A 89 -2.39 -19.01 0.67
C ILE A 89 -3.13 -18.27 -0.42
N LEU A 90 -2.76 -17.01 -0.63
CA LEU A 90 -3.36 -16.21 -1.70
C LEU A 90 -2.57 -16.41 -2.98
N ILE A 91 -3.24 -16.80 -4.04
CA ILE A 91 -2.56 -16.89 -5.32
C ILE A 91 -2.84 -15.57 -6.05
N LEU A 92 -1.81 -14.75 -6.13
CA LEU A 92 -1.92 -13.39 -6.66
C LEU A 92 -1.20 -13.22 -7.99
N GLU A 93 -1.57 -12.17 -8.71
CA GLU A 93 -0.87 -11.79 -9.93
C GLU A 93 0.62 -11.65 -9.65
N LEU A 94 1.43 -12.17 -10.56
CA LEU A 94 2.89 -12.07 -10.47
C LEU A 94 3.37 -10.66 -10.83
N VAL A 95 3.87 -9.96 -9.83
CA VAL A 95 4.44 -8.64 -10.04
C VAL A 95 5.92 -8.85 -9.79
N ALA A 96 6.69 -8.88 -10.88
CA ALA A 96 8.08 -9.37 -10.89
C ALA A 96 9.15 -8.28 -11.00
N GLY A 97 8.74 -7.02 -11.14
CA GLY A 97 9.68 -5.92 -11.33
C GLY A 97 10.22 -5.24 -10.09
N GLY A 98 9.87 -5.75 -8.91
CA GLY A 98 10.37 -5.19 -7.64
C GLY A 98 9.68 -3.89 -7.27
N GLU A 99 10.16 -3.27 -6.18
CA GLU A 99 9.64 -1.99 -5.66
C GLU A 99 10.06 -0.79 -6.49
N LEU A 100 9.16 0.18 -6.64
CA LEU A 100 9.37 1.34 -7.54
C LEU A 100 10.67 2.10 -7.29
N PHE A 101 10.95 2.37 -6.02
CA PHE A 101 12.06 3.24 -5.66
C PHE A 101 13.40 2.58 -5.97
N ASP A 102 13.42 1.24 -5.90
CA ASP A 102 14.57 0.43 -6.31
C ASP A 102 14.88 0.66 -7.79
N PHE A 103 13.84 0.76 -8.60
CA PHE A 103 14.02 0.94 -10.05
C PHE A 103 14.51 2.36 -10.37
N THR A 111 13.68 12.72 -12.54
CA THR A 111 13.11 13.96 -13.08
C THR A 111 11.64 14.04 -12.67
N GLU A 112 11.05 15.23 -12.79
CA GLU A 112 9.64 15.40 -12.46
C GLU A 112 8.73 14.60 -13.39
N GLU A 113 9.10 14.56 -14.68
CA GLU A 113 8.34 13.79 -15.67
C GLU A 113 8.29 12.30 -15.31
N GLU A 114 9.45 11.73 -14.98
CA GLU A 114 9.52 10.35 -14.49
C GLU A 114 8.72 10.16 -13.21
N ALA A 115 8.83 11.11 -12.30
CA ALA A 115 8.11 10.99 -11.03
C ALA A 115 6.60 11.05 -11.25
N THR A 116 6.12 12.03 -12.03
CA THR A 116 4.69 12.17 -12.31
C THR A 116 4.13 11.01 -13.12
N GLU A 117 4.93 10.44 -14.02
CA GLU A 117 4.47 9.28 -14.79
C GLU A 117 4.07 8.14 -13.88
N PHE A 118 4.91 7.85 -12.89
CA PHE A 118 4.59 6.83 -11.90
C PHE A 118 3.52 7.30 -10.92
N LEU A 119 3.64 8.54 -10.43
CA LEU A 119 2.63 9.10 -9.52
C LEU A 119 1.23 9.03 -10.13
N LYS A 120 1.11 9.34 -11.41
CA LYS A 120 -0.21 9.31 -12.07
C LYS A 120 -0.86 7.93 -12.04
N GLN A 121 -0.04 6.88 -12.17
CA GLN A 121 -0.59 5.51 -12.10
C GLN A 121 -1.03 5.17 -10.67
N ILE A 122 -0.25 5.62 -9.70
CA ILE A 122 -0.64 5.47 -8.30
C ILE A 122 -1.97 6.17 -8.07
N LEU A 123 -2.09 7.42 -8.54
CA LEU A 123 -3.33 8.16 -8.41
C LEU A 123 -4.51 7.47 -9.08
N ASN A 124 -4.31 6.91 -10.28
CA ASN A 124 -5.39 6.22 -10.98
C ASN A 124 -5.86 5.01 -10.18
N GLY A 125 -4.92 4.27 -9.62
CA GLY A 125 -5.25 3.08 -8.82
C GLY A 125 -5.98 3.47 -7.55
N VAL A 126 -5.50 4.51 -6.88
CA VAL A 126 -6.16 4.99 -5.66
C VAL A 126 -7.53 5.62 -5.97
N TYR A 127 -7.64 6.29 -7.11
CA TYR A 127 -8.93 6.83 -7.54
C TYR A 127 -9.94 5.69 -7.66
N TYR A 128 -9.52 4.59 -8.26
CA TYR A 128 -10.39 3.41 -8.38
C TYR A 128 -10.83 2.92 -6.99
N LEU A 129 -9.86 2.75 -6.10
CA LEU A 129 -10.11 2.27 -4.74
C LEU A 129 -11.07 3.16 -3.99
N HIS A 130 -10.77 4.45 -3.98
CA HIS A 130 -11.55 5.42 -3.24
C HIS A 130 -12.93 5.56 -3.81
N SER A 131 -13.04 5.38 -5.14
CA SER A 131 -14.35 5.33 -5.81
C SER A 131 -15.23 4.21 -5.25
N LEU A 132 -14.57 3.13 -4.81
CA LEU A 132 -15.24 2.01 -4.19
C LEU A 132 -15.34 2.09 -2.67
N GLN A 133 -14.95 3.25 -2.13
CA GLN A 133 -14.86 3.51 -0.68
C GLN A 133 -13.89 2.56 0.03
N ILE A 134 -12.84 2.17 -0.67
CA ILE A 134 -11.78 1.36 -0.09
C ILE A 134 -10.58 2.24 0.22
N ALA A 135 -10.23 2.29 1.50
CA ALA A 135 -8.97 2.86 1.94
C ALA A 135 -7.94 1.75 2.04
N HIS A 136 -6.77 2.00 1.48
CA HIS A 136 -5.68 1.04 1.50
C HIS A 136 -5.05 0.99 2.90
N PHE A 137 -4.83 2.16 3.47
CA PHE A 137 -4.27 2.36 4.82
C PHE A 137 -2.79 1.97 5.02
N ASP A 138 -2.10 1.50 3.97
CA ASP A 138 -0.69 1.10 4.09
C ASP A 138 0.12 1.50 2.85
N LEU A 139 -0.18 2.67 2.28
CA LEU A 139 0.53 3.12 1.10
C LEU A 139 1.92 3.63 1.51
N LYS A 140 2.92 3.09 0.82
CA LYS A 140 4.34 3.37 1.08
C LYS A 140 5.12 2.74 -0.06
N PRO A 141 6.35 3.23 -0.31
CA PRO A 141 7.16 2.82 -1.45
C PRO A 141 7.28 1.30 -1.62
N GLU A 142 7.38 0.59 -0.48
N GLU A 142 7.40 0.55 -0.51
CA GLU A 142 7.47 -0.88 -0.43
CA GLU A 142 7.51 -0.90 -0.61
C GLU A 142 6.22 -1.58 -1.01
C GLU A 142 6.24 -1.58 -1.13
N ASN A 143 5.11 -0.86 -1.07
CA ASN A 143 3.84 -1.43 -1.56
C ASN A 143 3.44 -0.90 -2.96
N ILE A 144 4.39 -0.23 -3.61
CA ILE A 144 4.24 0.20 -4.99
C ILE A 144 5.28 -0.59 -5.78
N MET A 145 4.80 -1.59 -6.52
CA MET A 145 5.65 -2.53 -7.27
C MET A 145 5.57 -2.28 -8.75
N LEU A 146 6.60 -2.69 -9.48
CA LEU A 146 6.58 -2.62 -10.94
C LEU A 146 6.25 -4.00 -11.49
N LEU A 147 5.29 -4.06 -12.42
CA LEU A 147 4.83 -5.36 -12.96
C LEU A 147 6.01 -6.08 -13.60
N ASP A 148 6.74 -5.32 -14.41
CA ASP A 148 7.87 -5.82 -15.17
C ASP A 148 8.75 -4.60 -15.42
N ARG A 149 9.86 -4.49 -14.71
CA ARG A 149 10.76 -3.32 -14.83
C ARG A 149 11.54 -3.24 -16.15
N ASN A 150 11.32 -4.20 -17.04
CA ASN A 150 12.06 -4.26 -18.29
C ASN A 150 11.34 -3.66 -19.52
N VAL A 151 10.07 -3.30 -19.37
CA VAL A 151 9.29 -2.78 -20.51
C VAL A 151 9.44 -1.27 -20.74
N PRO A 154 7.27 1.50 -17.48
CA PRO A 154 6.96 0.45 -16.51
C PRO A 154 5.63 0.71 -15.79
N ARG A 155 4.84 -0.34 -15.59
CA ARG A 155 3.52 -0.21 -15.00
C ARG A 155 3.55 -0.55 -13.52
N ILE A 156 2.91 0.28 -12.70
CA ILE A 156 2.93 -0.01 -11.28
C ILE A 156 1.68 -0.76 -10.84
N LYS A 157 1.83 -1.49 -9.73
CA LYS A 157 0.76 -2.25 -9.12
C LYS A 157 0.85 -1.97 -7.64
N ILE A 158 -0.26 -1.51 -7.07
CA ILE A 158 -0.36 -1.35 -5.64
C ILE A 158 -0.58 -2.73 -5.05
N ILE A 159 0.17 -3.08 -4.01
CA ILE A 159 0.05 -4.40 -3.37
C ILE A 159 -0.26 -4.30 -1.88
N ASP A 160 -0.35 -5.45 -1.23
CA ASP A 160 -0.56 -5.57 0.22
C ASP A 160 -1.79 -4.86 0.78
N PHE A 161 -2.94 -5.51 0.65
CA PHE A 161 -4.20 -5.00 1.15
C PHE A 161 -4.53 -5.46 2.58
N GLY A 162 -3.47 -5.79 3.33
CA GLY A 162 -3.62 -6.32 4.70
C GLY A 162 -4.25 -5.38 5.70
N LEU A 163 -4.16 -4.06 5.44
CA LEU A 163 -4.80 -3.07 6.33
C LEU A 163 -6.04 -2.40 5.72
N ALA A 164 -6.31 -2.74 4.45
CA ALA A 164 -7.38 -2.11 3.68
C ALA A 164 -8.77 -2.38 4.27
N HIS A 165 -9.63 -1.37 4.22
CA HIS A 165 -10.99 -1.43 4.75
C HIS A 165 -11.97 -0.74 3.82
N LYS A 166 -13.16 -1.32 3.72
CA LYS A 166 -14.32 -0.64 3.16
C LYS A 166 -14.82 0.41 4.15
N ILE A 167 -14.95 1.63 3.69
CA ILE A 167 -15.36 2.74 4.55
C ILE A 167 -16.77 3.09 4.12
N ASP A 168 -17.75 2.50 4.79
CA ASP A 168 -19.14 2.72 4.36
C ASP A 168 -19.86 3.86 5.11
N PHE A 169 -19.25 4.33 6.21
CA PHE A 169 -19.76 5.46 7.00
C PHE A 169 -18.83 6.67 7.01
N GLY A 170 -18.01 6.82 5.98
CA GLY A 170 -17.07 7.95 5.90
C GLY A 170 -15.82 7.80 6.78
N ASN A 171 -15.89 6.97 7.82
CA ASN A 171 -14.71 6.70 8.66
C ASN A 171 -14.75 5.37 9.41
N GLU A 172 -13.56 4.89 9.81
CA GLU A 172 -13.37 3.68 10.57
C GLU A 172 -12.60 4.00 11.87
N PHE A 173 -13.03 3.41 12.98
CA PHE A 173 -12.42 3.73 14.28
C PHE A 173 -12.03 2.43 15.01
N LYS A 174 -10.79 1.99 14.81
CA LYS A 174 -10.34 0.71 15.36
C LYS A 174 -8.81 0.47 15.50
N ASN A 175 -8.04 1.54 15.70
CA ASN A 175 -6.56 1.45 15.89
C ASN A 175 -5.77 0.81 14.72
N ILE A 176 -6.25 1.02 13.50
CA ILE A 176 -5.47 0.72 12.30
C ILE A 176 -4.18 1.52 12.36
N PHE A 177 -3.04 0.92 12.04
CA PHE A 177 -1.75 1.61 12.16
C PHE A 177 -0.67 0.96 11.27
N GLY A 178 -0.19 1.69 10.25
CA GLY A 178 0.94 1.22 9.43
C GLY A 178 2.32 1.65 9.91
N THR A 179 3.17 2.00 8.96
CA THR A 179 4.57 2.36 9.17
C THR A 179 4.72 3.83 9.54
N PRO A 180 5.30 4.14 10.70
CA PRO A 180 5.37 5.53 11.19
C PRO A 180 5.74 6.59 10.14
N GLU A 181 6.75 6.35 9.31
CA GLU A 181 7.13 7.34 8.27
C GLU A 181 6.00 7.79 7.35
N PHE A 182 5.02 6.91 7.13
CA PHE A 182 4.01 7.10 6.07
C PHE A 182 2.58 7.29 6.58
N VAL A 183 2.35 7.14 7.88
CA VAL A 183 0.98 7.26 8.42
C VAL A 183 0.58 8.71 8.65
N ALA A 184 -0.72 8.99 8.51
CA ALA A 184 -1.24 10.35 8.65
C ALA A 184 -1.36 10.72 10.14
N PRO A 185 -1.44 12.01 10.49
CA PRO A 185 -1.61 12.40 11.90
C PRO A 185 -2.81 11.73 12.58
N GLU A 186 -3.93 11.50 11.87
CA GLU A 186 -5.09 10.86 12.51
C GLU A 186 -4.79 9.42 12.96
N ILE A 187 -3.90 8.73 12.22
CA ILE A 187 -3.43 7.41 12.62
C ILE A 187 -2.58 7.51 13.91
N VAL A 188 -1.60 8.43 13.91
CA VAL A 188 -0.74 8.66 15.08
C VAL A 188 -1.54 8.98 16.33
N ASN A 189 -2.60 9.78 16.16
CA ASN A 189 -3.44 10.25 17.25
C ASN A 189 -4.64 9.34 17.59
N TYR A 190 -4.71 8.19 16.90
CA TYR A 190 -5.76 7.18 17.14
C TYR A 190 -7.18 7.76 16.98
N GLU A 191 -7.37 8.56 15.94
CA GLU A 191 -8.67 9.17 15.64
C GLU A 191 -9.39 8.38 14.53
N PRO A 192 -10.69 8.66 14.28
CA PRO A 192 -11.41 8.03 13.17
C PRO A 192 -10.66 8.27 11.85
N LEU A 193 -10.68 7.26 10.99
CA LEU A 193 -9.85 7.23 9.79
C LEU A 193 -10.70 7.09 8.55
N GLY A 194 -10.33 7.79 7.48
CA GLY A 194 -11.04 7.60 6.21
C GLY A 194 -10.09 7.58 5.05
N LEU A 195 -10.65 7.85 3.87
CA LEU A 195 -9.88 7.88 2.64
C LEU A 195 -8.79 8.95 2.69
N GLU A 196 -9.01 9.98 3.50
CA GLU A 196 -8.04 11.08 3.59
C GLU A 196 -6.65 10.60 4.02
N ALA A 197 -6.59 9.59 4.89
CA ALA A 197 -5.30 9.04 5.33
C ALA A 197 -4.43 8.58 4.15
N ASP A 198 -5.05 7.94 3.16
CA ASP A 198 -4.31 7.54 1.95
C ASP A 198 -3.68 8.73 1.23
N MET A 199 -4.40 9.85 1.19
CA MET A 199 -3.93 11.06 0.49
C MET A 199 -2.70 11.65 1.18
N TRP A 200 -2.70 11.69 2.50
CA TRP A 200 -1.47 12.03 3.23
C TRP A 200 -0.29 11.15 2.80
N SER A 201 -0.50 9.84 2.79
CA SER A 201 0.59 8.92 2.46
C SER A 201 1.10 9.17 1.06
N ILE A 202 0.18 9.47 0.12
CA ILE A 202 0.59 9.89 -1.21
C ILE A 202 1.52 11.13 -1.19
N GLY A 203 1.20 12.15 -0.39
CA GLY A 203 2.10 13.31 -0.24
C GLY A 203 3.50 12.89 0.23
N VAL A 204 3.54 11.97 1.20
CA VAL A 204 4.84 11.45 1.70
C VAL A 204 5.61 10.77 0.56
N ILE A 205 4.96 9.83 -0.12
CA ILE A 205 5.56 9.15 -1.28
C ILE A 205 6.07 10.15 -2.34
N THR A 206 5.28 11.17 -2.64
CA THR A 206 5.67 12.20 -3.60
C THR A 206 6.92 12.98 -3.19
N TYR A 207 6.93 13.43 -1.94
CA TYR A 207 8.11 14.07 -1.36
C TYR A 207 9.39 13.22 -1.55
N ILE A 208 9.32 11.93 -1.21
CA ILE A 208 10.45 11.01 -1.37
C ILE A 208 10.77 10.78 -2.86
N LEU A 209 9.76 10.54 -3.69
CA LEU A 209 9.98 10.41 -5.13
C LEU A 209 10.84 11.51 -5.73
N LEU A 210 10.58 12.75 -5.30
CA LEU A 210 11.21 13.92 -5.87
C LEU A 210 12.58 14.26 -5.28
N SER A 211 12.82 13.81 -4.05
CA SER A 211 13.97 14.26 -3.28
C SER A 211 14.90 13.16 -2.79
N GLY A 212 14.41 11.92 -2.73
CA GLY A 212 15.13 10.83 -2.08
C GLY A 212 15.22 10.97 -0.56
N ALA A 213 14.48 11.92 0.00
CA ALA A 213 14.49 12.19 1.44
C ALA A 213 13.09 11.96 2.01
N SER A 214 13.02 11.55 3.28
CA SER A 214 11.74 11.28 3.95
C SER A 214 11.37 12.48 4.86
N PRO A 215 10.18 13.07 4.65
CA PRO A 215 9.85 14.37 5.28
C PRO A 215 9.77 14.37 6.82
N PHE A 216 9.36 13.26 7.41
CA PHE A 216 9.10 13.20 8.86
C PHE A 216 10.02 12.28 9.62
N LEU A 217 10.92 11.61 8.90
CA LEU A 217 11.75 10.57 9.50
C LEU A 217 12.65 11.13 10.58
N GLY A 218 12.52 10.58 11.79
CA GLY A 218 13.44 10.88 12.88
C GLY A 218 14.33 9.67 13.20
N ASP A 219 15.08 9.79 14.29
CA ASP A 219 16.07 8.78 14.68
C ASP A 219 15.44 7.56 15.35
N THR A 220 14.25 7.73 15.90
CA THR A 220 13.50 6.63 16.48
C THR A 220 12.06 6.70 15.98
N LYS A 221 11.29 5.64 16.21
CA LYS A 221 9.87 5.63 15.85
C LYS A 221 9.08 6.74 16.52
N GLN A 222 9.33 6.99 17.81
CA GLN A 222 8.57 7.99 18.55
C GLN A 222 8.82 9.39 18.00
N GLU A 223 10.07 9.65 17.59
CA GLU A 223 10.37 10.93 16.94
C GLU A 223 9.65 11.10 15.61
N THR A 224 9.66 10.05 14.78
CA THR A 224 8.92 10.10 13.51
C THR A 224 7.45 10.42 13.76
N LEU A 225 6.86 9.68 14.68
CA LEU A 225 5.45 9.87 15.02
C LEU A 225 5.16 11.26 15.54
N ALA A 226 6.03 11.77 16.43
CA ALA A 226 5.89 13.13 16.93
C ALA A 226 5.95 14.15 15.78
N ASN A 227 6.89 13.94 14.86
CA ASN A 227 7.03 14.78 13.69
C ASN A 227 5.77 14.79 12.81
N VAL A 228 5.27 13.60 12.50
CA VAL A 228 4.00 13.46 11.76
C VAL A 228 2.87 14.25 12.43
N SER A 229 2.64 14.00 13.72
CA SER A 229 1.53 14.68 14.43
C SER A 229 1.65 16.18 14.38
N ALA A 230 2.88 16.66 14.48
CA ALA A 230 3.19 18.09 14.48
C ALA A 230 3.27 18.70 13.07
N VAL A 231 3.20 17.85 12.04
CA VAL A 231 3.47 18.27 10.64
C VAL A 231 4.83 18.97 10.54
N ASN A 232 5.82 18.35 11.16
CA ASN A 232 7.20 18.85 11.26
C ASN A 232 8.02 18.40 10.04
N TYR A 233 7.86 19.14 8.93
CA TYR A 233 8.67 18.89 7.72
C TYR A 233 8.93 20.20 6.98
N GLU A 234 9.93 20.18 6.12
CA GLU A 234 10.20 21.33 5.25
C GLU A 234 10.79 20.84 3.92
N PHE A 235 10.55 21.60 2.86
CA PHE A 235 11.22 21.35 1.58
C PHE A 235 12.68 21.82 1.63
N GLU A 236 13.58 20.92 2.01
CA GLU A 236 15.00 21.29 2.13
C GLU A 236 15.55 21.77 0.81
N ASP A 237 15.98 23.04 0.79
CA ASP A 237 16.49 23.64 -0.42
C ASP A 237 17.54 22.76 -1.12
N GLU A 238 18.44 22.15 -0.35
CA GLU A 238 19.46 21.26 -0.92
C GLU A 238 18.83 20.10 -1.70
N TYR A 239 17.67 19.64 -1.27
CA TYR A 239 17.00 18.51 -1.92
C TYR A 239 15.98 18.94 -2.98
N PHE A 240 15.48 20.17 -2.86
CA PHE A 240 14.40 20.68 -3.70
C PHE A 240 14.73 21.95 -4.52
N SER A 241 16.02 22.26 -4.69
CA SER A 241 16.45 23.50 -5.40
C SER A 241 15.95 23.61 -6.84
N ASN A 242 15.89 22.46 -7.49
CA ASN A 242 15.54 22.34 -8.90
C ASN A 242 14.08 21.97 -9.12
N THR A 243 13.40 21.56 -8.05
CA THR A 243 12.01 21.08 -8.09
C THR A 243 11.06 22.25 -8.32
N SER A 244 10.05 22.06 -9.17
CA SER A 244 9.11 23.16 -9.47
C SER A 244 8.29 23.56 -8.25
N ALA A 245 7.85 24.82 -8.24
CA ALA A 245 6.94 25.29 -7.20
C ALA A 245 5.63 24.51 -7.23
N LEU A 246 5.15 24.13 -8.42
CA LEU A 246 3.90 23.35 -8.54
C LEU A 246 3.98 21.97 -7.90
N ALA A 247 5.13 21.32 -8.05
CA ALA A 247 5.33 20.03 -7.39
C ALA A 247 5.24 20.23 -5.87
N LYS A 248 5.88 21.27 -5.34
CA LYS A 248 5.83 21.54 -3.90
C LYS A 248 4.43 21.90 -3.44
N ASP A 249 3.73 22.67 -4.27
CA ASP A 249 2.34 23.01 -4.00
C ASP A 249 1.48 21.75 -3.89
N PHE A 250 1.65 20.83 -4.82
CA PHE A 250 0.96 19.52 -4.76
C PHE A 250 1.19 18.84 -3.41
N ILE A 251 2.45 18.68 -3.02
CA ILE A 251 2.80 18.04 -1.72
C ILE A 251 2.23 18.79 -0.50
N ARG A 252 2.37 20.11 -0.49
CA ARG A 252 1.89 20.94 0.62
C ARG A 252 0.39 20.76 0.89
N ARG A 253 -0.40 20.56 -0.17
CA ARG A 253 -1.86 20.41 -0.03
C ARG A 253 -2.29 19.02 0.38
N LEU A 254 -1.33 18.09 0.40
CA LEU A 254 -1.56 16.73 0.91
C LEU A 254 -1.10 16.58 2.35
N LEU A 255 0.01 17.22 2.68
CA LEU A 255 0.58 17.12 4.03
C LEU A 255 -0.03 18.15 4.97
N VAL A 256 -1.36 18.02 5.12
CA VAL A 256 -2.22 18.90 5.92
C VAL A 256 -2.80 18.10 7.10
N LYS A 257 -2.64 18.61 8.31
CA LYS A 257 -3.09 17.89 9.51
C LYS A 257 -4.60 17.56 9.51
N ASP A 258 -5.42 18.58 9.25
CA ASP A 258 -6.87 18.41 9.25
C ASP A 258 -7.31 17.63 7.99
N PRO A 259 -7.84 16.42 8.17
CA PRO A 259 -8.18 15.57 7.03
C PRO A 259 -9.17 16.24 6.08
N LYS A 260 -10.06 17.07 6.64
CA LYS A 260 -11.08 17.79 5.86
C LYS A 260 -10.49 18.82 4.89
N LYS A 261 -9.29 19.32 5.19
CA LYS A 261 -8.65 20.37 4.41
C LYS A 261 -7.64 19.82 3.41
N ARG A 262 -7.36 18.53 3.52
CA ARG A 262 -6.44 17.83 2.63
C ARG A 262 -7.06 17.62 1.23
N MET A 263 -6.27 17.67 0.16
CA MET A 263 -6.75 17.32 -1.17
C MET A 263 -7.29 15.89 -1.16
N THR A 264 -8.42 15.68 -1.85
CA THR A 264 -8.96 14.34 -2.10
C THR A 264 -8.28 13.77 -3.31
N ILE A 265 -8.50 12.47 -3.58
CA ILE A 265 -7.99 11.88 -4.82
C ILE A 265 -8.49 12.64 -6.06
N GLN A 266 -9.76 13.02 -6.09
CA GLN A 266 -10.25 13.80 -7.25
C GLN A 266 -9.53 15.15 -7.37
N ASP A 267 -9.27 15.81 -6.24
CA ASP A 267 -8.52 17.09 -6.20
C ASP A 267 -7.13 16.90 -6.78
N SER A 268 -6.50 15.77 -6.42
CA SER A 268 -5.11 15.52 -6.81
C SER A 268 -5.02 15.34 -8.32
N LEU A 269 -6.05 14.76 -8.91
CA LEU A 269 -6.11 14.57 -10.36
C LEU A 269 -6.36 15.86 -11.17
N GLN A 270 -6.96 16.86 -10.54
CA GLN A 270 -7.22 18.17 -11.19
C GLN A 270 -6.14 19.22 -10.88
N HIS A 271 -5.24 18.90 -9.96
CA HIS A 271 -4.19 19.81 -9.60
C HIS A 271 -3.35 20.14 -10.84
N PRO A 272 -2.98 21.41 -11.04
CA PRO A 272 -2.21 21.85 -12.21
C PRO A 272 -0.90 21.11 -12.48
N TRP A 273 -0.28 20.51 -11.46
CA TRP A 273 0.95 19.75 -11.68
C TRP A 273 0.63 18.43 -12.41
N ILE A 274 -0.57 17.89 -12.17
CA ILE A 274 -1.00 16.58 -12.68
C ILE A 274 -1.87 16.70 -13.93
N LYS A 275 -2.86 17.59 -13.86
CA LYS A 275 -3.82 17.77 -14.95
C LYS A 275 -3.11 18.17 -16.26
N PRO A 276 -3.45 17.49 -17.35
CA PRO A 276 -2.85 17.76 -18.66
C PRO A 276 -3.27 19.11 -19.22
N GLN A 291 3.93 0.22 15.47
CA GLN A 291 4.23 1.62 15.78
C GLN A 291 5.13 1.78 17.02
N PHE A 292 5.27 0.72 17.80
CA PHE A 292 6.06 0.75 19.02
C PHE A 292 7.48 0.21 18.83
C4 86Q B . 4.77 -8.31 0.04
C14 86Q B . 4.78 -8.63 -1.32
C5 86Q B . 6.09 -8.57 -2.05
C6 86Q B . 6.08 -8.94 -3.53
C11 86Q B . 4.75 -9.32 -4.14
C7 86Q B . 4.74 -9.66 -5.49
C8 86Q B . 3.55 -10.03 -6.10
C9 86Q B . 2.35 -10.07 -5.37
C10 86Q B . 2.37 -9.72 -4.01
C12 86Q B . 3.57 -9.36 -3.39
C13 86Q B . 3.59 -9.00 -1.95
N1 86Q B . 2.44 -9.01 -1.23
N2 86Q B . 2.44 -8.69 0.13
C3 86Q B . 3.57 -8.35 0.75
N3 86Q B . 3.55 -8.03 2.07
#